data_5DWV
#
_entry.id   5DWV
#
_cell.length_a   73.101
_cell.length_b   73.101
_cell.length_c   96.465
_cell.angle_alpha   90.00
_cell.angle_beta   90.00
_cell.angle_gamma   90.00
#
_symmetry.space_group_name_H-M   'P 41'
#
loop_
_entity.id
_entity.type
_entity.pdbx_description
1 polymer 'Luciferin 4-monooxygenase'
2 non-polymer 2-[6-(cyclobuta-1,3-dien-1-ylamino)-1,3-benzothiazol-2-yl]-1,3-thiazol-4-ol
3 water water
#
_entity_poly.entity_id   1
_entity_poly.type   'polypeptide(L)'
_entity_poly.pdbx_seq_one_letter_code
;MGSSHHHHHHSQDLEVLFQGPGSMEDAKNIKKGPAPFYPLEDGTAGEQLHKAMKRYALVPGTIAFTDAHIEVNITYAEYF
EMSVRLAEAMKRYGLNTNHRIVVCSENSLQFFMPVLGALFIGVAVAPANDIYNERELLNSMNISQPTVVFVSKKGLQKIL
NVQKKLPIIQKIIIMDSKTDYQGFQSMYTFVTSHLPPGFNEYDFVPESFDRDKTIALIMNSSGSTGLPKGVALPHRTACV
RFSHARDPIFGNQIIPDTAILSVVPFHHGFGMFTTLGYLICGFRVVLMYRFEEELFLRSLQDYKIQSALLVPTLFSFFAK
STLIDKYDLSNLHEIASGGAPLSKEVGEAVAKRFHLPGIRQGYGLTETTSAILITPEGDDKPGAVGKVVPFFEAKVVDLD
TGKTLGVNQRGELCVRGPMIMSGYVNNPEATNALIDKDGWLHSGDIAYWDEDEHFFIVDRLKSLIKYKGYQVAPAELESI
LLQHPNIFDAGVAGLPDDDAGELPAAVVVLEHGKTMTEKEIVDYVASQVTTAKKLRGGVVFVDEVPKGLTGKLDARKIRE
ILIKAKKGGKSKL
;
_entity_poly.pdbx_strand_id   A
#
# COMPACT_ATOMS: atom_id res chain seq x y z
N ASP A 26 -2.48 34.04 0.38
CA ASP A 26 -3.20 33.28 1.40
C ASP A 26 -4.39 34.16 1.72
N ALA A 27 -5.61 33.65 1.48
CA ALA A 27 -5.89 32.21 1.41
C ALA A 27 -5.72 31.43 0.11
N LYS A 28 -5.56 32.11 -1.03
CA LYS A 28 -5.70 31.43 -2.32
C LYS A 28 -4.40 30.77 -2.80
N ASN A 29 -3.38 30.68 -1.95
CA ASN A 29 -2.17 29.91 -2.27
C ASN A 29 -2.03 28.68 -1.37
N ILE A 30 -3.11 28.30 -0.70
CA ILE A 30 -3.24 26.99 -0.06
C ILE A 30 -4.15 26.17 -0.96
N LYS A 31 -3.60 25.14 -1.58
CA LYS A 31 -4.40 24.27 -2.44
C LYS A 31 -5.11 23.24 -1.59
N LYS A 32 -6.42 23.12 -1.80
CA LYS A 32 -7.26 22.26 -0.99
C LYS A 32 -7.85 21.16 -1.85
N GLY A 33 -7.96 19.95 -1.28
CA GLY A 33 -8.64 18.86 -1.96
C GLY A 33 -10.15 19.04 -1.90
N PRO A 34 -10.86 18.66 -2.97
CA PRO A 34 -12.32 18.79 -2.94
C PRO A 34 -12.93 17.81 -1.94
N ALA A 35 -14.24 17.90 -1.74
CA ALA A 35 -14.90 16.95 -0.84
C ALA A 35 -14.85 15.55 -1.43
N PRO A 36 -14.87 14.52 -0.59
CA PRO A 36 -14.94 13.16 -1.14
C PRO A 36 -16.29 12.93 -1.78
N PHE A 37 -16.28 12.20 -2.88
CA PHE A 37 -17.54 11.77 -3.48
C PHE A 37 -18.40 11.04 -2.45
N TYR A 38 -17.81 10.15 -1.67
CA TYR A 38 -18.47 9.47 -0.57
C TYR A 38 -17.95 9.97 0.75
N PRO A 39 -18.83 10.17 1.74
CA PRO A 39 -18.35 10.57 3.07
C PRO A 39 -17.40 9.53 3.64
N LEU A 40 -16.62 9.98 4.62
CA LEU A 40 -15.59 9.15 5.24
C LEU A 40 -16.25 8.16 6.20
N GLU A 41 -16.19 6.88 5.84
CA GLU A 41 -16.77 5.79 6.61
C GLU A 41 -16.22 5.77 8.03
N ASP A 42 -17.04 5.30 8.97
CA ASP A 42 -16.59 5.16 10.35
C ASP A 42 -16.01 3.76 10.56
N GLY A 43 -15.45 3.54 11.74
CA GLY A 43 -14.85 2.27 12.06
C GLY A 43 -13.39 2.17 11.65
N THR A 44 -12.70 1.22 12.26
CA THR A 44 -11.29 1.01 12.00
C THR A 44 -11.05 0.58 10.56
N ALA A 45 -9.76 0.47 10.21
CA ALA A 45 -9.42 -0.05 8.90
C ALA A 45 -9.78 -1.53 8.81
N GLY A 46 -9.55 -2.27 9.89
CA GLY A 46 -10.01 -3.66 9.95
C GLY A 46 -11.49 -3.79 9.64
N GLU A 47 -12.32 -2.98 10.30
CA GLU A 47 -13.76 -3.10 10.16
C GLU A 47 -14.21 -2.85 8.72
N GLN A 48 -13.66 -1.82 8.07
CA GLN A 48 -14.05 -1.53 6.70
C GLN A 48 -13.59 -2.62 5.74
N LEU A 49 -12.37 -3.15 5.92
CA LEU A 49 -11.94 -4.25 5.07
C LEU A 49 -12.81 -5.48 5.29
N HIS A 50 -13.02 -5.84 6.56
CA HIS A 50 -13.87 -6.97 6.89
C HIS A 50 -15.24 -6.84 6.23
N LYS A 51 -15.85 -5.65 6.33
CA LYS A 51 -17.18 -5.44 5.79
C LYS A 51 -17.20 -5.59 4.28
N ALA A 52 -16.22 -5.00 3.60
CA ALA A 52 -16.20 -5.09 2.14
C ALA A 52 -15.90 -6.51 1.69
N MET A 53 -14.93 -7.16 2.32
CA MET A 53 -14.51 -8.48 1.84
C MET A 53 -15.52 -9.57 2.18
N LYS A 54 -16.25 -9.41 3.27
CA LYS A 54 -17.34 -10.33 3.56
C LYS A 54 -18.37 -10.30 2.44
N ARG A 55 -18.69 -9.09 1.98
CA ARG A 55 -19.64 -8.99 0.88
C ARG A 55 -19.11 -9.68 -0.38
N TYR A 56 -17.83 -9.51 -0.71
CA TYR A 56 -17.32 -10.15 -1.91
C TYR A 56 -17.20 -11.65 -1.73
N ALA A 57 -16.87 -12.07 -0.50
CA ALA A 57 -16.79 -13.50 -0.22
C ALA A 57 -18.09 -14.22 -0.54
N LEU A 58 -19.23 -13.54 -0.35
CA LEU A 58 -20.54 -14.17 -0.51
C LEU A 58 -20.92 -14.38 -1.96
N VAL A 59 -20.12 -13.87 -2.89
CA VAL A 59 -20.29 -14.18 -4.31
C VAL A 59 -19.24 -15.21 -4.71
N PRO A 60 -19.61 -16.48 -4.89
CA PRO A 60 -18.62 -17.50 -5.25
C PRO A 60 -17.88 -17.15 -6.54
N GLY A 61 -16.57 -17.41 -6.53
CA GLY A 61 -15.74 -17.21 -7.70
C GLY A 61 -15.22 -15.81 -7.93
N THR A 62 -15.48 -14.86 -7.03
CA THR A 62 -14.92 -13.53 -7.16
C THR A 62 -13.44 -13.57 -6.79
N ILE A 63 -12.59 -13.16 -7.73
CA ILE A 63 -11.15 -13.37 -7.56
C ILE A 63 -10.54 -12.17 -6.86
N ALA A 64 -9.80 -12.42 -5.77
CA ALA A 64 -9.04 -11.38 -5.09
C ALA A 64 -7.62 -11.25 -5.61
N PHE A 65 -6.88 -12.35 -5.68
CA PHE A 65 -5.50 -12.31 -6.13
C PHE A 65 -5.24 -13.42 -7.14
N THR A 66 -4.37 -13.11 -8.10
CA THR A 66 -3.94 -14.05 -9.15
C THR A 66 -2.43 -13.96 -9.26
N ASP A 67 -1.76 -15.09 -9.14
CA ASP A 67 -0.30 -15.19 -9.28
C ASP A 67 0.01 -15.47 -10.74
N ALA A 68 0.58 -14.49 -11.44
CA ALA A 68 0.86 -14.65 -12.87
C ALA A 68 1.90 -15.72 -13.15
N HIS A 69 2.80 -15.97 -12.21
CA HIS A 69 3.85 -16.96 -12.47
C HIS A 69 3.30 -18.36 -12.41
N ILE A 70 2.47 -18.65 -11.42
CA ILE A 70 1.95 -20.00 -11.23
C ILE A 70 0.50 -20.14 -11.65
N GLU A 71 -0.17 -19.03 -11.95
CA GLU A 71 -1.48 -18.98 -12.59
C GLU A 71 -2.64 -19.37 -11.67
N VAL A 72 -2.39 -19.48 -10.36
CA VAL A 72 -3.42 -19.82 -9.39
C VAL A 72 -4.22 -18.57 -8.99
N ASN A 73 -5.53 -18.74 -8.87
CA ASN A 73 -6.41 -17.69 -8.37
C ASN A 73 -6.84 -18.04 -6.95
N ILE A 74 -6.96 -17.03 -6.10
CA ILE A 74 -7.62 -17.19 -4.82
C ILE A 74 -8.80 -16.22 -4.75
N THR A 75 -9.94 -16.72 -4.31
CA THR A 75 -11.18 -15.96 -4.30
C THR A 75 -11.32 -15.15 -3.02
N TYR A 76 -12.23 -14.18 -3.04
CA TYR A 76 -12.52 -13.42 -1.84
C TYR A 76 -13.02 -14.34 -0.70
N ALA A 77 -13.82 -15.36 -1.02
CA ALA A 77 -14.29 -16.29 0.02
C ALA A 77 -13.13 -16.96 0.71
N GLU A 78 -12.19 -17.51 -0.07
CA GLU A 78 -10.99 -18.10 0.50
C GLU A 78 -10.22 -17.08 1.32
N TYR A 79 -10.04 -15.86 0.78
CA TYR A 79 -9.22 -14.86 1.45
C TYR A 79 -9.88 -14.37 2.72
N PHE A 80 -11.18 -14.09 2.65
CA PHE A 80 -11.91 -13.64 3.83
C PHE A 80 -11.82 -14.66 4.96
N GLU A 81 -12.07 -15.94 4.64
CA GLU A 81 -12.15 -16.97 5.67
C GLU A 81 -10.80 -17.23 6.32
N MET A 82 -9.73 -17.31 5.52
CA MET A 82 -8.42 -17.50 6.12
C MET A 82 -7.99 -16.27 6.93
N SER A 83 -8.34 -15.05 6.48
CA SER A 83 -7.95 -13.88 7.27
C SER A 83 -8.71 -13.82 8.59
N VAL A 84 -10.01 -14.10 8.57
CA VAL A 84 -10.80 -14.15 9.80
C VAL A 84 -10.27 -15.22 10.75
N ARG A 85 -9.95 -16.40 10.22
CA ARG A 85 -9.38 -17.47 11.03
C ARG A 85 -8.03 -17.07 11.63
N LEU A 86 -7.20 -16.34 10.87
CA LEU A 86 -5.91 -15.86 11.37
C LEU A 86 -6.09 -14.80 12.45
N ALA A 87 -7.04 -13.89 12.24
CA ALA A 87 -7.42 -12.90 13.25
C ALA A 87 -7.78 -13.57 14.58
N GLU A 88 -8.77 -14.47 14.56
CA GLU A 88 -9.20 -15.11 15.80
C GLU A 88 -8.08 -15.95 16.40
N ALA A 89 -7.27 -16.61 15.56
CA ALA A 89 -6.17 -17.41 16.08
C ALA A 89 -5.12 -16.54 16.77
N MET A 90 -4.82 -15.36 16.20
CA MET A 90 -3.84 -14.49 16.84
C MET A 90 -4.39 -13.89 18.13
N LYS A 91 -5.67 -13.51 18.12
CA LYS A 91 -6.31 -13.04 19.34
C LYS A 91 -6.24 -14.10 20.44
N ARG A 92 -6.55 -15.35 20.10
CA ARG A 92 -6.52 -16.38 21.13
C ARG A 92 -5.11 -16.80 21.48
N TYR A 93 -4.16 -16.59 20.58
CA TYR A 93 -2.78 -16.73 20.96
C TYR A 93 -2.41 -15.72 22.05
N GLY A 94 -3.02 -14.53 22.01
CA GLY A 94 -2.75 -13.51 23.00
C GLY A 94 -2.29 -12.16 22.47
N LEU A 95 -2.23 -11.99 21.15
CA LEU A 95 -1.77 -10.72 20.60
C LEU A 95 -2.88 -9.68 20.66
N ASN A 96 -2.55 -8.45 21.05
CA ASN A 96 -3.52 -7.37 21.12
C ASN A 96 -2.86 -6.10 20.59
N THR A 97 -3.45 -4.93 20.89
CA THR A 97 -2.90 -3.68 20.39
C THR A 97 -1.51 -3.37 20.95
N ASN A 98 -1.04 -4.05 21.99
CA ASN A 98 0.32 -3.85 22.47
C ASN A 98 1.35 -4.69 21.75
N HIS A 99 0.96 -5.41 20.70
CA HIS A 99 1.88 -6.29 20.03
C HIS A 99 2.00 -5.91 18.57
N ARG A 100 3.09 -6.35 17.96
CA ARG A 100 3.26 -6.22 16.52
C ARG A 100 3.67 -7.54 15.91
N ILE A 101 3.29 -7.72 14.65
CA ILE A 101 3.80 -8.82 13.85
C ILE A 101 4.64 -8.24 12.71
N VAL A 102 5.56 -9.05 12.22
CA VAL A 102 6.24 -8.79 10.96
C VAL A 102 5.70 -9.76 9.92
N VAL A 103 5.41 -9.26 8.73
CA VAL A 103 5.14 -10.07 7.56
C VAL A 103 6.30 -9.85 6.59
N CYS A 104 7.09 -10.89 6.37
CA CYS A 104 8.36 -10.82 5.65
C CYS A 104 8.26 -11.79 4.48
N SER A 105 8.03 -11.26 3.29
CA SER A 105 7.75 -12.12 2.17
C SER A 105 7.73 -11.29 0.90
N GLU A 106 8.24 -11.87 -0.18
CA GLU A 106 8.01 -11.34 -1.51
C GLU A 106 6.51 -11.32 -1.80
N ASN A 107 6.09 -10.49 -2.76
CA ASN A 107 4.70 -10.49 -3.18
C ASN A 107 4.23 -11.92 -3.46
N SER A 108 3.07 -12.27 -2.93
CA SER A 108 2.57 -13.64 -3.04
C SER A 108 1.07 -13.64 -2.83
N LEU A 109 0.44 -14.78 -3.18
CA LEU A 109 -0.97 -14.97 -2.87
C LEU A 109 -1.23 -14.86 -1.37
N GLN A 110 -0.24 -15.18 -0.55
CA GLN A 110 -0.46 -15.29 0.90
C GLN A 110 -0.20 -13.99 1.66
N PHE A 111 0.46 -13.02 1.02
CA PHE A 111 1.04 -11.90 1.75
C PHE A 111 0.02 -11.19 2.61
N PHE A 112 -1.15 -10.89 2.05
CA PHE A 112 -2.10 -10.08 2.78
C PHE A 112 -2.97 -10.86 3.78
N MET A 113 -2.83 -12.18 3.87
CA MET A 113 -3.62 -12.93 4.86
C MET A 113 -3.28 -12.53 6.29
N PRO A 114 -2.02 -12.56 6.74
CA PRO A 114 -1.75 -12.09 8.10
C PRO A 114 -1.89 -10.59 8.24
N VAL A 115 -1.71 -9.83 7.16
CA VAL A 115 -1.94 -8.39 7.22
C VAL A 115 -3.40 -8.10 7.58
N LEU A 116 -4.33 -8.74 6.86
CA LEU A 116 -5.75 -8.54 7.14
C LEU A 116 -6.12 -9.05 8.52
N GLY A 117 -5.60 -10.22 8.91
CA GLY A 117 -5.95 -10.78 10.20
C GLY A 117 -5.53 -9.87 11.35
N ALA A 118 -4.32 -9.31 11.27
CA ALA A 118 -3.86 -8.44 12.34
C ALA A 118 -4.65 -7.13 12.38
N LEU A 119 -5.04 -6.61 11.21
CA LEU A 119 -5.85 -5.40 11.19
C LEU A 119 -7.25 -5.65 11.76
N PHE A 120 -7.78 -6.85 11.57
CA PHE A 120 -9.08 -7.19 12.13
C PHE A 120 -9.06 -7.10 13.65
N ILE A 121 -7.90 -7.27 14.27
CA ILE A 121 -7.85 -7.28 15.73
C ILE A 121 -6.95 -6.17 16.29
N GLY A 122 -6.50 -5.23 15.45
CA GLY A 122 -5.75 -4.11 15.97
C GLY A 122 -4.33 -4.41 16.35
N VAL A 123 -3.75 -5.47 15.80
CA VAL A 123 -2.33 -5.76 15.96
C VAL A 123 -1.59 -5.05 14.82
N ALA A 124 -0.61 -4.23 15.17
CA ALA A 124 0.13 -3.48 14.17
C ALA A 124 1.01 -4.40 13.35
N VAL A 125 1.08 -4.14 12.05
CA VAL A 125 1.81 -4.96 11.09
C VAL A 125 3.02 -4.20 10.58
N ALA A 126 4.18 -4.85 10.57
CA ALA A 126 5.42 -4.24 10.05
C ALA A 126 5.91 -5.06 8.86
N PRO A 127 5.69 -4.60 7.64
CA PRO A 127 6.15 -5.35 6.48
C PRO A 127 7.66 -5.25 6.35
N ALA A 128 8.30 -6.36 6.04
CA ALA A 128 9.76 -6.43 6.05
C ALA A 128 10.25 -6.67 4.63
N ASN A 129 10.97 -5.68 4.09
CA ASN A 129 11.59 -5.79 2.78
C ASN A 129 12.33 -7.13 2.69
N ASP A 130 11.73 -8.07 1.94
CA ASP A 130 12.21 -9.44 1.68
C ASP A 130 13.50 -9.50 0.84
N ILE A 131 14.00 -8.36 0.37
CA ILE A 131 15.32 -8.27 -0.26
C ILE A 131 16.24 -7.38 0.56
N TYR A 132 15.81 -7.01 1.77
CA TYR A 132 16.77 -6.71 2.82
C TYR A 132 17.70 -7.92 3.01
N ASN A 133 18.97 -7.64 3.23
CA ASN A 133 19.86 -8.65 3.79
C ASN A 133 19.67 -8.69 5.31
N GLU A 134 20.34 -9.64 5.95
CA GLU A 134 20.20 -9.85 7.39
C GLU A 134 20.34 -8.56 8.19
N ARG A 135 21.28 -7.69 7.79
CA ARG A 135 21.53 -6.46 8.54
C ARG A 135 20.42 -5.46 8.36
N GLU A 136 19.96 -5.28 7.13
CA GLU A 136 18.79 -4.44 6.89
C GLU A 136 17.56 -5.01 7.59
N LEU A 137 17.48 -6.34 7.67
CA LEU A 137 16.36 -6.98 8.34
C LEU A 137 16.41 -6.74 9.83
N LEU A 138 17.61 -6.84 10.42
CA LEU A 138 17.78 -6.68 11.86
C LEU A 138 17.38 -5.27 12.29
N ASN A 139 17.81 -4.25 11.54
CA ASN A 139 17.49 -2.88 11.90
C ASN A 139 16.01 -2.59 11.73
N SER A 140 15.40 -3.12 10.68
CA SER A 140 13.96 -2.96 10.49
C SER A 140 13.20 -3.50 11.69
N MET A 141 13.50 -4.73 12.10
CA MET A 141 12.75 -5.39 13.16
C MET A 141 13.20 -5.00 14.55
N ASN A 142 14.40 -4.43 14.71
CA ASN A 142 14.77 -3.86 16.00
C ASN A 142 13.86 -2.67 16.32
N ILE A 143 13.43 -1.96 15.29
CA ILE A 143 12.50 -0.85 15.49
C ILE A 143 11.10 -1.38 15.78
N SER A 144 10.64 -2.36 15.00
CA SER A 144 9.25 -2.76 15.13
C SER A 144 9.01 -3.76 16.25
N GLN A 145 10.03 -4.45 16.73
CA GLN A 145 9.95 -5.30 17.93
C GLN A 145 8.75 -6.27 17.88
N PRO A 146 8.68 -7.13 16.88
CA PRO A 146 7.51 -8.00 16.74
C PRO A 146 7.58 -9.20 17.67
N THR A 147 6.41 -9.69 18.08
CA THR A 147 6.35 -10.92 18.86
C THR A 147 6.22 -12.16 17.99
N VAL A 148 5.52 -12.05 16.87
CA VAL A 148 5.31 -13.16 15.94
C VAL A 148 5.76 -12.71 14.56
N VAL A 149 6.45 -13.59 13.85
CA VAL A 149 6.93 -13.32 12.49
C VAL A 149 6.29 -14.31 11.54
N PHE A 150 5.64 -13.79 10.50
CA PHE A 150 5.19 -14.58 9.36
C PHE A 150 6.23 -14.41 8.24
N VAL A 151 6.67 -15.53 7.67
CA VAL A 151 7.73 -15.48 6.67
C VAL A 151 7.50 -16.58 5.64
N SER A 152 7.90 -16.32 4.40
CA SER A 152 7.94 -17.35 3.37
C SER A 152 9.13 -18.28 3.60
N LYS A 153 9.09 -19.46 2.97
CA LYS A 153 10.18 -20.43 3.13
C LYS A 153 11.53 -19.80 2.88
N LYS A 154 11.65 -19.05 1.78
CA LYS A 154 12.95 -18.53 1.37
C LYS A 154 13.45 -17.41 2.28
N GLY A 155 12.58 -16.84 3.12
CA GLY A 155 13.03 -15.92 4.13
C GLY A 155 13.37 -16.54 5.48
N LEU A 156 13.17 -17.86 5.63
CA LEU A 156 13.19 -18.46 6.96
C LEU A 156 14.57 -18.33 7.62
N GLN A 157 15.63 -18.73 6.93
CA GLN A 157 16.93 -18.75 7.61
C GLN A 157 17.37 -17.35 8.03
N LYS A 158 16.94 -16.31 7.30
CA LYS A 158 17.25 -14.94 7.70
C LYS A 158 16.49 -14.56 8.97
N ILE A 159 15.21 -14.94 9.06
CA ILE A 159 14.44 -14.67 10.27
C ILE A 159 15.08 -15.37 11.45
N LEU A 160 15.47 -16.64 11.26
CA LEU A 160 16.11 -17.39 12.34
C LEU A 160 17.35 -16.67 12.84
N ASN A 161 18.17 -16.17 11.92
CA ASN A 161 19.37 -15.46 12.34
C ASN A 161 19.04 -14.14 13.01
N VAL A 162 18.00 -13.43 12.54
CA VAL A 162 17.55 -12.23 13.26
C VAL A 162 17.01 -12.60 14.64
N GLN A 163 16.35 -13.76 14.78
CA GLN A 163 15.81 -14.14 16.07
C GLN A 163 16.90 -14.31 17.13
N LYS A 164 18.09 -14.73 16.71
CA LYS A 164 19.20 -14.90 17.66
C LYS A 164 19.56 -13.58 18.32
N LYS A 165 19.37 -12.47 17.63
CA LYS A 165 19.65 -11.15 18.17
C LYS A 165 18.42 -10.43 18.69
N LEU A 166 17.23 -10.95 18.43
CA LEU A 166 15.98 -10.30 18.82
C LEU A 166 15.04 -11.36 19.34
N PRO A 167 15.29 -11.85 20.56
CA PRO A 167 14.50 -13.00 21.04
C PRO A 167 13.08 -12.64 21.41
N ILE A 168 12.69 -11.37 21.38
CA ILE A 168 11.28 -11.04 21.47
C ILE A 168 10.49 -11.76 20.38
N ILE A 169 11.15 -12.09 19.25
CA ILE A 169 10.55 -12.99 18.27
C ILE A 169 10.43 -14.38 18.87
N GLN A 170 9.23 -14.75 19.33
CA GLN A 170 9.02 -16.04 19.98
C GLN A 170 8.29 -17.05 19.12
N LYS A 171 7.72 -16.62 17.99
CA LYS A 171 6.92 -17.50 17.15
C LYS A 171 7.17 -17.12 15.69
N ILE A 172 7.48 -18.12 14.87
CA ILE A 172 7.73 -17.95 13.44
C ILE A 172 6.77 -18.85 12.68
N ILE A 173 6.04 -18.28 11.73
CA ILE A 173 4.98 -18.97 11.02
C ILE A 173 5.30 -18.90 9.53
N ILE A 174 5.26 -20.05 8.84
CA ILE A 174 5.57 -20.14 7.42
C ILE A 174 4.32 -19.81 6.60
N MET A 175 4.46 -18.90 5.65
CA MET A 175 3.30 -18.44 4.89
C MET A 175 2.96 -19.33 3.71
N ASP A 176 3.95 -19.73 2.92
CA ASP A 176 3.65 -20.47 1.68
C ASP A 176 3.86 -21.97 1.86
N SER A 177 3.25 -22.52 2.92
CA SER A 177 3.17 -23.95 3.13
C SER A 177 1.77 -24.28 3.62
N LYS A 178 1.33 -25.51 3.37
CA LYS A 178 0.12 -25.97 4.03
C LYS A 178 0.47 -26.75 5.29
N THR A 179 1.29 -27.77 5.16
CA THR A 179 1.79 -28.52 6.31
C THR A 179 2.85 -27.71 7.06
N ASP A 180 3.24 -28.21 8.23
CA ASP A 180 4.41 -27.66 8.91
C ASP A 180 5.63 -27.71 7.97
N TYR A 181 6.60 -26.84 8.22
CA TYR A 181 7.76 -26.73 7.36
C TYR A 181 9.00 -26.58 8.23
N GLN A 182 9.90 -27.56 8.12
CA GLN A 182 11.18 -27.53 8.83
C GLN A 182 10.98 -27.21 10.31
N GLY A 183 9.95 -27.82 10.91
CA GLY A 183 9.71 -27.68 12.32
C GLY A 183 8.83 -26.52 12.74
N PHE A 184 8.44 -25.66 11.81
CA PHE A 184 7.63 -24.50 12.10
C PHE A 184 6.21 -24.70 11.58
N GLN A 185 5.24 -24.12 12.27
CA GLN A 185 3.86 -24.23 11.83
C GLN A 185 3.64 -23.39 10.57
N SER A 186 2.74 -23.86 9.72
CA SER A 186 2.23 -23.01 8.65
C SER A 186 1.12 -22.12 9.20
N MET A 187 0.60 -21.23 8.35
CA MET A 187 -0.54 -20.43 8.77
C MET A 187 -1.74 -21.32 9.03
N TYR A 188 -1.87 -22.40 8.26
CA TYR A 188 -3.02 -23.30 8.39
C TYR A 188 -2.91 -24.18 9.63
N THR A 189 -1.71 -24.70 9.93
CA THR A 189 -1.58 -25.47 11.17
C THR A 189 -1.61 -24.56 12.39
N PHE A 190 -1.13 -23.33 12.25
CA PHE A 190 -1.21 -22.40 13.38
C PHE A 190 -2.66 -22.06 13.71
N VAL A 191 -3.47 -21.81 12.69
CA VAL A 191 -4.87 -21.47 12.90
C VAL A 191 -5.59 -22.63 13.60
N THR A 192 -5.36 -23.86 13.12
CA THR A 192 -5.97 -25.04 13.70
C THR A 192 -5.62 -25.22 15.18
N SER A 193 -4.42 -24.79 15.59
CA SER A 193 -3.97 -24.92 16.97
C SER A 193 -4.71 -24.00 17.93
N HIS A 194 -5.39 -22.97 17.44
CA HIS A 194 -5.91 -21.95 18.33
C HIS A 194 -7.34 -21.53 18.06
N LEU A 195 -7.96 -21.98 16.99
CA LEU A 195 -9.37 -21.69 16.84
C LEU A 195 -10.18 -22.44 17.90
N PRO A 196 -11.21 -21.83 18.47
CA PRO A 196 -12.13 -22.57 19.35
C PRO A 196 -12.90 -23.60 18.55
N PRO A 197 -13.42 -24.64 19.20
CA PRO A 197 -14.34 -25.54 18.49
C PRO A 197 -15.62 -24.81 18.13
N GLY A 198 -16.13 -25.08 16.93
CA GLY A 198 -17.30 -24.40 16.42
C GLY A 198 -17.05 -23.03 15.82
N PHE A 199 -15.80 -22.64 15.61
CA PHE A 199 -15.54 -21.30 15.10
C PHE A 199 -16.26 -21.08 13.78
N ASN A 200 -16.94 -19.94 13.66
CA ASN A 200 -17.69 -19.61 12.46
C ASN A 200 -17.11 -18.37 11.80
N GLU A 201 -16.62 -18.52 10.56
CA GLU A 201 -15.93 -17.40 9.90
C GLU A 201 -16.87 -16.23 9.64
N TYR A 202 -18.14 -16.50 9.39
CA TYR A 202 -19.11 -15.48 9.03
C TYR A 202 -19.86 -14.90 10.23
N ASP A 203 -19.62 -15.41 11.45
CA ASP A 203 -20.09 -14.77 12.68
C ASP A 203 -19.02 -13.91 13.35
N PHE A 204 -17.76 -14.12 12.99
CA PHE A 204 -16.64 -13.37 13.57
C PHE A 204 -16.90 -11.87 13.48
N VAL A 205 -16.60 -11.17 14.56
CA VAL A 205 -16.74 -9.71 14.60
C VAL A 205 -15.35 -9.11 14.78
N PRO A 206 -14.92 -8.23 13.88
CA PRO A 206 -13.61 -7.59 14.06
C PRO A 206 -13.64 -6.62 15.25
N GLU A 207 -12.48 -6.48 15.89
CA GLU A 207 -12.38 -5.63 17.06
C GLU A 207 -12.67 -4.17 16.74
N SER A 208 -13.33 -3.50 17.67
CA SER A 208 -13.52 -2.07 17.64
C SER A 208 -12.54 -1.46 18.61
N PHE A 209 -11.97 -0.32 18.23
CA PHE A 209 -11.00 0.37 19.06
C PHE A 209 -10.83 1.77 18.50
N ASP A 210 -9.95 2.53 19.13
CA ASP A 210 -9.74 3.91 18.74
C ASP A 210 -8.97 4.01 17.41
N ARG A 211 -9.60 4.63 16.43
CA ARG A 211 -9.04 4.74 15.08
C ARG A 211 -7.75 5.55 15.06
N ASP A 212 -7.70 6.61 15.86
CA ASP A 212 -6.58 7.54 15.80
C ASP A 212 -5.37 7.06 16.58
N LYS A 213 -5.57 6.24 17.61
CA LYS A 213 -4.46 5.84 18.47
C LYS A 213 -4.00 4.41 18.28
N THR A 214 -4.75 3.56 17.58
CA THR A 214 -4.29 2.20 17.35
C THR A 214 -3.48 2.17 16.05
N ILE A 215 -2.21 1.78 16.15
CA ILE A 215 -1.36 1.73 14.96
C ILE A 215 -1.76 0.55 14.08
N ALA A 216 -1.97 0.83 12.79
CA ALA A 216 -2.22 -0.21 11.79
C ALA A 216 -0.93 -0.76 11.18
N LEU A 217 -0.05 0.11 10.67
CA LEU A 217 1.16 -0.28 9.97
C LEU A 217 2.37 0.44 10.56
N ILE A 218 3.48 -0.27 10.65
CA ILE A 218 4.77 0.34 10.92
C ILE A 218 5.61 0.16 9.65
N MET A 219 5.66 1.19 8.80
CA MET A 219 6.37 1.14 7.53
C MET A 219 7.80 1.64 7.67
N ASN A 220 8.66 1.18 6.78
CA ASN A 220 10.06 1.60 6.79
C ASN A 220 10.28 2.75 5.81
N SER A 221 11.01 3.77 6.26
CA SER A 221 11.32 4.90 5.39
C SER A 221 12.64 4.68 4.65
N GLY A 226 20.44 8.05 5.87
CA GLY A 226 20.90 7.29 7.01
C GLY A 226 20.26 5.92 7.10
N LEU A 227 20.05 5.42 8.35
CA LEU A 227 19.32 4.17 8.48
C LEU A 227 17.81 4.44 8.47
N PRO A 228 17.03 3.50 7.92
CA PRO A 228 15.58 3.68 7.87
C PRO A 228 14.97 3.80 9.26
N LYS A 229 13.86 4.52 9.32
CA LYS A 229 13.07 4.69 10.53
C LYS A 229 11.77 3.90 10.41
N GLY A 230 11.12 3.66 11.54
CA GLY A 230 9.80 3.08 11.55
C GLY A 230 8.78 4.18 11.48
N VAL A 231 7.77 4.00 10.62
CA VAL A 231 6.75 5.00 10.39
C VAL A 231 5.42 4.43 10.87
N ALA A 232 4.93 4.93 12.00
CA ALA A 232 3.72 4.41 12.63
C ALA A 232 2.51 5.09 12.00
N LEU A 233 1.61 4.29 11.42
CA LEU A 233 0.45 4.81 10.69
C LEU A 233 -0.81 4.33 11.38
N PRO A 234 -1.56 5.21 12.03
CA PRO A 234 -2.81 4.79 12.69
C PRO A 234 -3.83 4.30 11.67
N HIS A 235 -4.81 3.53 12.17
CA HIS A 235 -5.88 3.02 11.31
C HIS A 235 -6.55 4.14 10.54
N ARG A 236 -6.77 5.28 11.20
CA ARG A 236 -7.40 6.41 10.52
C ARG A 236 -6.77 6.66 9.15
N THR A 237 -5.45 6.60 9.05
CA THR A 237 -4.84 6.98 7.77
C THR A 237 -5.17 5.99 6.66
N ALA A 238 -5.35 4.71 6.99
CA ALA A 238 -5.83 3.76 5.99
C ALA A 238 -7.31 4.00 5.67
N CYS A 239 -8.12 4.34 6.67
CA CYS A 239 -9.52 4.64 6.38
C CYS A 239 -9.64 5.80 5.37
N VAL A 240 -8.72 6.78 5.45
CA VAL A 240 -8.76 7.90 4.50
C VAL A 240 -8.33 7.46 3.12
N ARG A 241 -7.27 6.66 3.03
CA ARG A 241 -6.88 6.04 1.76
C ARG A 241 -8.05 5.28 1.13
N PHE A 242 -8.86 4.62 1.95
CA PHE A 242 -9.98 3.83 1.42
C PHE A 242 -11.06 4.74 0.83
N SER A 243 -11.21 5.95 1.37
CA SER A 243 -12.03 6.94 0.69
C SER A 243 -11.46 7.27 -0.69
N HIS A 244 -10.16 7.54 -0.75
CA HIS A 244 -9.54 7.87 -2.04
C HIS A 244 -9.66 6.71 -3.02
N ALA A 245 -9.55 5.46 -2.53
CA ALA A 245 -9.43 4.33 -3.46
C ALA A 245 -10.73 4.06 -4.21
N ARG A 246 -11.87 4.29 -3.57
CA ARG A 246 -13.19 4.10 -4.20
C ARG A 246 -13.70 5.37 -4.86
N ASP A 247 -12.95 6.47 -4.77
CA ASP A 247 -13.40 7.75 -5.30
C ASP A 247 -13.38 7.72 -6.83
N PRO A 248 -14.46 8.17 -7.49
CA PRO A 248 -14.48 8.15 -8.96
C PRO A 248 -13.50 9.13 -9.58
N ILE A 249 -12.97 10.10 -8.84
CA ILE A 249 -12.02 11.06 -9.38
C ILE A 249 -10.60 10.76 -8.94
N PHE A 250 -10.41 10.43 -7.67
CA PHE A 250 -9.10 10.26 -7.08
C PHE A 250 -8.70 8.80 -6.89
N GLY A 251 -9.57 7.87 -7.28
CA GLY A 251 -9.26 6.46 -7.22
C GLY A 251 -9.83 5.73 -8.41
N ASN A 252 -10.58 4.66 -8.18
CA ASN A 252 -11.19 3.92 -9.27
C ASN A 252 -12.67 3.71 -9.00
N GLN A 253 -13.46 3.80 -10.06
CA GLN A 253 -14.87 3.44 -9.99
C GLN A 253 -14.98 1.95 -9.67
N ILE A 254 -15.80 1.63 -8.67
CA ILE A 254 -16.06 0.23 -8.35
C ILE A 254 -16.94 -0.36 -9.44
N ILE A 255 -16.37 -1.22 -10.28
CA ILE A 255 -17.06 -1.82 -11.44
C ILE A 255 -16.70 -3.30 -11.45
N PRO A 256 -17.69 -4.21 -11.57
CA PRO A 256 -17.40 -5.64 -11.50
C PRO A 256 -16.45 -6.11 -12.58
N ASP A 257 -15.63 -7.10 -12.22
CA ASP A 257 -14.66 -7.72 -13.11
C ASP A 257 -13.62 -6.71 -13.60
N THR A 258 -13.25 -5.80 -12.71
CA THR A 258 -12.06 -5.00 -12.90
C THR A 258 -10.85 -5.76 -12.38
N ALA A 259 -9.77 -5.73 -13.15
CA ALA A 259 -8.54 -6.43 -12.81
C ALA A 259 -7.36 -5.47 -12.89
N ILE A 260 -6.46 -5.59 -11.92
CA ILE A 260 -5.27 -4.76 -11.79
C ILE A 260 -4.05 -5.66 -11.95
N LEU A 261 -3.01 -5.15 -12.63
CA LEU A 261 -1.70 -5.81 -12.67
C LEU A 261 -0.71 -4.97 -11.87
N SER A 262 -0.29 -5.47 -10.72
CA SER A 262 0.60 -4.75 -9.83
C SER A 262 1.96 -5.43 -9.82
N VAL A 263 3.02 -4.67 -10.10
CA VAL A 263 4.38 -5.19 -10.05
C VAL A 263 5.16 -4.29 -9.09
N VAL A 264 4.52 -3.95 -7.99
CA VAL A 264 5.03 -3.03 -6.96
C VAL A 264 5.13 -3.82 -5.66
N PRO A 265 6.22 -3.69 -4.90
CA PRO A 265 6.38 -4.48 -3.67
C PRO A 265 5.32 -4.15 -2.63
N PHE A 266 4.74 -5.21 -2.05
CA PHE A 266 3.68 -5.04 -1.05
C PHE A 266 4.17 -4.42 0.25
N HIS A 267 5.47 -4.55 0.55
CA HIS A 267 6.02 -4.09 1.81
C HIS A 267 6.30 -2.60 1.82
N HIS A 268 6.30 -1.93 0.67
CA HIS A 268 6.47 -0.50 0.59
C HIS A 268 5.09 0.15 0.49
N GLY A 269 5.03 1.45 0.82
CA GLY A 269 3.75 2.11 0.99
C GLY A 269 2.95 2.26 -0.30
N PHE A 270 3.64 2.32 -1.44
CA PHE A 270 2.96 2.37 -2.73
C PHE A 270 2.19 1.07 -2.98
N GLY A 271 2.82 -0.08 -2.75
CA GLY A 271 2.15 -1.35 -2.94
C GLY A 271 1.21 -1.76 -1.82
N MET A 272 1.56 -1.39 -0.58
CA MET A 272 0.70 -1.69 0.57
C MET A 272 -0.69 -1.11 0.39
N PHE A 273 -0.79 0.18 0.10
CA PHE A 273 -2.06 0.91 0.18
C PHE A 273 -2.80 1.03 -1.15
N THR A 274 -2.17 0.76 -2.28
CA THR A 274 -2.95 0.52 -3.48
C THR A 274 -3.65 -0.82 -3.39
N THR A 275 -2.94 -1.86 -2.92
CA THR A 275 -3.56 -3.18 -2.84
C THR A 275 -4.70 -3.22 -1.82
N LEU A 276 -4.50 -2.65 -0.63
CA LEU A 276 -5.61 -2.63 0.32
C LEU A 276 -6.82 -1.93 -0.29
N GLY A 277 -6.58 -0.84 -1.03
CA GLY A 277 -7.67 -0.15 -1.68
C GLY A 277 -8.34 -0.98 -2.75
N TYR A 278 -7.56 -1.79 -3.48
CA TYR A 278 -8.15 -2.70 -4.46
C TYR A 278 -8.99 -3.79 -3.77
N LEU A 279 -8.56 -4.26 -2.61
CA LEU A 279 -9.36 -5.25 -1.91
C LEU A 279 -10.68 -4.66 -1.43
N ILE A 280 -10.64 -3.40 -0.96
CA ILE A 280 -11.89 -2.80 -0.51
C ILE A 280 -12.81 -2.51 -1.70
N CYS A 281 -12.27 -2.41 -2.91
CA CYS A 281 -13.02 -2.26 -4.14
C CYS A 281 -13.50 -3.57 -4.76
N GLY A 282 -13.14 -4.73 -4.20
CA GLY A 282 -13.52 -5.99 -4.79
C GLY A 282 -12.82 -6.35 -6.07
N PHE A 283 -11.65 -5.75 -6.33
CA PHE A 283 -10.96 -5.96 -7.60
C PHE A 283 -10.17 -7.26 -7.60
N ARG A 284 -9.79 -7.71 -8.80
CA ARG A 284 -8.86 -8.82 -8.97
C ARG A 284 -7.43 -8.28 -9.09
N VAL A 285 -6.58 -8.65 -8.16
CA VAL A 285 -5.21 -8.16 -8.11
C VAL A 285 -4.28 -9.22 -8.66
N VAL A 286 -3.78 -8.99 -9.87
CA VAL A 286 -2.83 -9.89 -10.50
C VAL A 286 -1.44 -9.45 -10.11
N LEU A 287 -0.64 -10.38 -9.62
CA LEU A 287 0.68 -9.98 -9.15
C LEU A 287 1.77 -10.77 -9.86
N MET A 288 2.94 -10.15 -9.91
CA MET A 288 4.18 -10.75 -10.38
C MET A 288 5.27 -10.31 -9.42
N TYR A 289 6.04 -11.27 -8.90
CA TYR A 289 7.16 -10.92 -8.06
C TYR A 289 8.50 -10.88 -8.81
N ARG A 290 8.55 -11.33 -10.06
CA ARG A 290 9.74 -11.20 -10.89
C ARG A 290 9.31 -10.63 -12.22
N PHE A 291 9.80 -9.43 -12.55
CA PHE A 291 9.42 -8.79 -13.81
C PHE A 291 10.00 -9.57 -14.98
N GLU A 292 9.16 -9.83 -15.98
CA GLU A 292 9.58 -10.38 -17.25
C GLU A 292 8.72 -9.73 -18.33
N GLU A 293 9.35 -9.33 -19.42
CA GLU A 293 8.71 -8.50 -20.44
C GLU A 293 7.52 -9.22 -21.07
N GLU A 294 7.75 -10.44 -21.57
CA GLU A 294 6.68 -11.15 -22.24
C GLU A 294 5.57 -11.54 -21.27
N LEU A 295 5.92 -11.96 -20.05
CA LEU A 295 4.90 -12.38 -19.09
C LEU A 295 4.02 -11.19 -18.71
N PHE A 296 4.64 -10.03 -18.51
CA PHE A 296 3.89 -8.83 -18.16
C PHE A 296 2.90 -8.45 -19.26
N LEU A 297 3.38 -8.34 -20.49
CA LEU A 297 2.53 -7.93 -21.61
C LEU A 297 1.43 -8.94 -21.85
N ARG A 298 1.78 -10.23 -21.85
CA ARG A 298 0.80 -11.29 -22.01
C ARG A 298 -0.20 -11.30 -20.85
N SER A 299 0.24 -10.92 -19.63
CA SER A 299 -0.68 -10.83 -18.50
C SER A 299 -1.66 -9.68 -18.67
N LEU A 300 -1.19 -8.52 -19.15
CA LEU A 300 -2.09 -7.44 -19.54
C LEU A 300 -3.13 -7.93 -20.56
N GLN A 301 -2.68 -8.66 -21.57
CA GLN A 301 -3.61 -9.12 -22.60
C GLN A 301 -4.59 -10.15 -22.05
N ASP A 302 -4.06 -11.25 -21.48
CA ASP A 302 -4.91 -12.40 -21.20
C ASP A 302 -5.84 -12.18 -20.04
N TYR A 303 -5.42 -11.40 -19.03
CA TYR A 303 -6.25 -11.05 -17.89
C TYR A 303 -7.08 -9.79 -18.13
N LYS A 304 -7.08 -9.26 -19.36
CA LYS A 304 -7.83 -8.06 -19.70
C LYS A 304 -7.67 -6.99 -18.62
N ILE A 305 -6.40 -6.71 -18.30
CA ILE A 305 -6.08 -5.73 -17.27
C ILE A 305 -6.54 -4.33 -17.66
N GLN A 306 -7.14 -3.62 -16.71
CA GLN A 306 -7.60 -2.26 -16.82
C GLN A 306 -6.61 -1.25 -16.23
N SER A 307 -5.92 -1.59 -15.15
CA SER A 307 -4.92 -0.71 -14.56
C SER A 307 -3.64 -1.50 -14.35
N ALA A 308 -2.51 -0.91 -14.73
CA ALA A 308 -1.21 -1.50 -14.45
C ALA A 308 -0.39 -0.54 -13.60
N LEU A 309 0.28 -1.08 -12.59
CA LEU A 309 1.06 -0.31 -11.63
C LEU A 309 2.54 -0.61 -11.81
N LEU A 310 3.34 0.43 -11.97
CA LEU A 310 4.77 0.24 -12.21
C LEU A 310 5.58 1.09 -11.25
N VAL A 311 6.75 0.56 -10.87
CA VAL A 311 7.78 1.33 -10.17
C VAL A 311 8.48 2.21 -11.21
N PRO A 312 9.19 3.27 -10.80
CA PRO A 312 9.65 4.26 -11.80
C PRO A 312 10.58 3.67 -12.86
N THR A 313 11.54 2.83 -12.47
CA THR A 313 12.52 2.31 -13.41
C THR A 313 11.92 1.35 -14.42
N LEU A 314 10.71 0.84 -14.19
CA LEU A 314 10.05 0.07 -15.22
C LEU A 314 9.45 0.95 -16.31
N PHE A 315 9.19 2.22 -16.01
CA PHE A 315 8.79 3.14 -17.08
C PHE A 315 9.90 3.33 -18.09
N SER A 316 11.13 3.54 -17.61
CA SER A 316 12.26 3.62 -18.53
C SER A 316 12.36 2.36 -19.35
N PHE A 317 12.12 1.20 -18.71
CA PHE A 317 12.18 -0.05 -19.45
C PHE A 317 11.16 -0.08 -20.57
N PHE A 318 9.90 0.25 -20.28
CA PHE A 318 8.89 0.16 -21.32
C PHE A 318 8.98 1.27 -22.35
N ALA A 319 9.64 2.39 -22.03
CA ALA A 319 10.02 3.32 -23.08
C ALA A 319 10.86 2.64 -24.16
N LYS A 320 11.69 1.65 -23.79
CA LYS A 320 12.56 1.01 -24.77
C LYS A 320 11.93 -0.19 -25.47
N SER A 321 10.76 -0.65 -25.03
CA SER A 321 10.20 -1.92 -25.47
C SER A 321 9.53 -1.80 -26.83
N THR A 322 9.78 -2.77 -27.72
CA THR A 322 9.15 -2.75 -29.03
C THR A 322 8.13 -3.88 -29.22
N LEU A 323 7.84 -4.63 -28.16
CA LEU A 323 6.91 -5.76 -28.25
C LEU A 323 5.46 -5.40 -27.96
N ILE A 324 5.20 -4.18 -27.49
CA ILE A 324 3.87 -3.84 -26.98
C ILE A 324 2.80 -4.00 -28.07
N ASP A 325 3.14 -3.68 -29.33
CA ASP A 325 2.15 -3.73 -30.42
C ASP A 325 1.65 -5.15 -30.72
N LYS A 326 2.41 -6.17 -30.38
CA LYS A 326 2.01 -7.55 -30.67
C LYS A 326 0.94 -8.08 -29.74
N TYR A 327 0.47 -7.29 -28.77
CA TYR A 327 -0.52 -7.76 -27.80
C TYR A 327 -1.80 -6.95 -27.92
N ASP A 328 -2.93 -7.61 -27.66
CA ASP A 328 -4.23 -6.96 -27.57
C ASP A 328 -4.37 -6.36 -26.18
N LEU A 329 -4.16 -5.05 -26.08
CA LEU A 329 -4.26 -4.31 -24.83
C LEU A 329 -5.44 -3.36 -24.84
N SER A 330 -6.50 -3.73 -25.58
CA SER A 330 -7.63 -2.84 -25.73
C SER A 330 -8.35 -2.58 -24.42
N ASN A 331 -8.24 -3.49 -23.45
CA ASN A 331 -8.90 -3.25 -22.17
C ASN A 331 -8.12 -2.32 -21.28
N LEU A 332 -6.88 -1.97 -21.64
CA LEU A 332 -6.04 -1.20 -20.73
C LEU A 332 -6.55 0.24 -20.70
N HIS A 333 -6.94 0.69 -19.50
CA HIS A 333 -7.44 2.03 -19.30
C HIS A 333 -6.41 2.99 -18.75
N GLU A 334 -5.51 2.52 -17.87
CA GLU A 334 -4.55 3.42 -17.26
C GLU A 334 -3.29 2.66 -16.86
N ILE A 335 -2.18 3.40 -16.86
CA ILE A 335 -0.94 3.01 -16.19
C ILE A 335 -0.66 4.03 -15.11
N ALA A 336 -0.39 3.55 -13.91
CA ALA A 336 -0.20 4.42 -12.77
C ALA A 336 1.22 4.29 -12.24
N SER A 337 1.76 5.42 -11.77
CA SER A 337 3.05 5.51 -11.08
C SER A 337 2.83 6.43 -9.88
N GLY A 338 3.71 6.47 -8.88
CA GLY A 338 4.94 5.70 -8.73
C GLY A 338 5.63 6.39 -7.57
N GLY A 339 6.79 5.88 -7.12
CA GLY A 339 7.62 6.62 -6.19
C GLY A 339 8.17 7.85 -6.89
N ALA A 340 9.29 7.69 -7.60
CA ALA A 340 9.57 8.51 -8.78
C ALA A 340 9.80 10.00 -8.42
N PRO A 341 9.13 11.00 -9.06
CA PRO A 341 8.30 11.31 -10.25
C PRO A 341 9.05 11.04 -11.54
N LEU A 342 8.32 10.57 -12.55
CA LEU A 342 8.92 10.28 -13.84
C LEU A 342 9.21 11.58 -14.58
N SER A 343 10.13 11.51 -15.53
CA SER A 343 10.32 12.61 -16.45
C SER A 343 9.06 12.77 -17.30
N LYS A 344 8.87 13.99 -17.82
CA LYS A 344 7.78 14.21 -18.76
C LYS A 344 8.03 13.44 -20.06
N GLU A 345 9.29 13.37 -20.50
CA GLU A 345 9.59 12.69 -21.75
C GLU A 345 9.30 11.20 -21.64
N VAL A 346 9.75 10.57 -20.55
CA VAL A 346 9.55 9.14 -20.36
C VAL A 346 8.06 8.83 -20.32
N GLY A 347 7.30 9.57 -19.52
CA GLY A 347 5.86 9.31 -19.41
C GLY A 347 5.13 9.45 -20.73
N GLU A 348 5.55 10.40 -21.56
CA GLU A 348 4.93 10.59 -22.86
C GLU A 348 5.27 9.43 -23.80
N ALA A 349 6.51 8.96 -23.77
CA ALA A 349 6.89 7.82 -24.61
C ALA A 349 6.15 6.55 -24.20
N VAL A 350 6.05 6.27 -22.89
CA VAL A 350 5.31 5.09 -22.44
C VAL A 350 3.85 5.20 -22.85
N ALA A 351 3.23 6.37 -22.62
CA ALA A 351 1.83 6.57 -22.98
C ALA A 351 1.59 6.32 -24.46
N LYS A 352 2.47 6.84 -25.31
CA LYS A 352 2.36 6.58 -26.74
C LYS A 352 2.38 5.09 -27.03
N ARG A 353 3.40 4.40 -26.52
CA ARG A 353 3.53 2.96 -26.77
C ARG A 353 2.28 2.20 -26.34
N PHE A 354 1.67 2.59 -25.23
CA PHE A 354 0.53 1.86 -24.75
C PHE A 354 -0.78 2.43 -25.27
N HIS A 355 -0.71 3.32 -26.26
CA HIS A 355 -1.88 3.90 -26.90
C HIS A 355 -2.87 4.46 -25.88
N LEU A 356 -2.31 5.09 -24.81
CA LEU A 356 -3.02 5.79 -23.74
C LEU A 356 -2.87 7.31 -23.89
N PRO A 357 -3.84 8.09 -23.41
CA PRO A 357 -3.70 9.55 -23.48
C PRO A 357 -2.69 10.13 -22.50
N GLY A 358 -2.19 9.36 -21.55
CA GLY A 358 -1.22 9.87 -20.61
C GLY A 358 -0.98 8.86 -19.50
N ILE A 359 -0.23 9.30 -18.49
CA ILE A 359 0.11 8.49 -17.33
C ILE A 359 -0.63 9.04 -16.13
N ARG A 360 -1.16 8.16 -15.29
CA ARG A 360 -1.85 8.60 -14.09
C ARG A 360 -0.88 8.54 -12.93
N GLN A 361 -0.27 9.68 -12.63
CA GLN A 361 0.74 9.73 -11.59
C GLN A 361 0.11 10.04 -10.24
N GLY A 362 0.88 9.75 -9.19
CA GLY A 362 0.52 10.18 -7.85
C GLY A 362 1.79 10.31 -7.07
N TYR A 363 1.72 11.12 -6.01
CA TYR A 363 2.89 11.45 -5.20
C TYR A 363 2.53 11.38 -3.73
N GLY A 364 3.40 10.70 -2.97
CA GLY A 364 3.29 10.64 -1.53
C GLY A 364 4.60 10.13 -0.98
N LEU A 365 4.67 10.10 0.35
CA LEU A 365 5.83 9.58 1.06
C LEU A 365 5.37 8.53 2.06
N THR A 366 6.31 7.73 2.55
CA THR A 366 5.98 6.76 3.58
C THR A 366 5.25 7.44 4.73
N GLU A 367 5.68 8.66 5.05
CA GLU A 367 5.16 9.47 6.15
C GLU A 367 3.80 10.08 5.85
N THR A 368 3.29 9.99 4.63
CA THR A 368 1.93 10.42 4.33
C THR A 368 1.00 9.26 4.04
N THR A 369 1.36 8.05 4.49
CA THR A 369 0.64 6.79 4.23
C THR A 369 0.65 6.42 2.76
N SER A 370 0.01 7.26 1.92
CA SER A 370 -0.19 6.98 0.52
C SER A 370 -0.07 8.30 -0.27
N ALA A 371 -0.50 8.29 -1.53
CA ALA A 371 -0.42 9.49 -2.34
C ALA A 371 -1.35 10.57 -1.79
N ILE A 372 -0.79 11.76 -1.61
CA ILE A 372 -1.58 12.94 -1.26
C ILE A 372 -1.74 13.89 -2.43
N LEU A 373 -1.07 13.61 -3.56
CA LEU A 373 -1.30 14.30 -4.82
C LEU A 373 -1.58 13.22 -5.87
N ILE A 374 -2.75 13.28 -6.50
CA ILE A 374 -3.20 12.24 -7.42
C ILE A 374 -3.72 12.88 -8.70
N THR A 375 -3.30 12.36 -9.84
CA THR A 375 -3.88 12.74 -11.10
C THR A 375 -5.36 12.35 -11.12
N PRO A 376 -6.28 13.31 -11.17
CA PRO A 376 -7.69 12.94 -11.22
C PRO A 376 -8.00 12.16 -12.48
N GLU A 377 -8.99 11.27 -12.37
CA GLU A 377 -9.45 10.48 -13.51
C GLU A 377 -9.71 11.38 -14.71
N GLY A 378 -8.96 11.14 -15.79
CA GLY A 378 -9.11 11.90 -17.01
C GLY A 378 -8.52 13.30 -17.00
N ASP A 379 -8.31 13.90 -15.82
CA ASP A 379 -7.77 15.25 -15.69
C ASP A 379 -6.25 15.21 -15.83
N ASP A 380 -5.81 14.69 -16.97
CA ASP A 380 -4.46 14.23 -17.17
C ASP A 380 -3.58 15.30 -17.82
N LYS A 381 -2.37 15.48 -17.29
CA LYS A 381 -1.43 16.48 -17.79
C LYS A 381 0.01 15.97 -17.73
N PRO A 382 0.77 16.05 -18.83
CA PRO A 382 2.13 15.49 -18.83
C PRO A 382 3.05 16.21 -17.85
N GLY A 383 3.99 15.44 -17.28
CA GLY A 383 4.87 15.93 -16.25
C GLY A 383 4.22 16.27 -14.92
N ALA A 384 2.90 16.39 -14.86
CA ALA A 384 2.23 16.73 -13.60
C ALA A 384 2.03 15.50 -12.73
N VAL A 385 2.07 15.72 -11.43
CA VAL A 385 2.00 14.62 -10.48
C VAL A 385 0.59 14.47 -9.92
N GLY A 386 -0.29 15.45 -10.12
CA GLY A 386 -1.68 15.36 -9.75
C GLY A 386 -2.12 16.60 -9.02
N LYS A 387 -3.26 16.48 -8.35
CA LYS A 387 -3.84 17.54 -7.53
C LYS A 387 -3.99 17.03 -6.11
N VAL A 388 -4.25 17.98 -5.19
CA VAL A 388 -4.41 17.63 -3.79
C VAL A 388 -5.63 16.69 -3.62
N VAL A 389 -5.44 15.66 -2.81
CA VAL A 389 -6.50 14.66 -2.56
C VAL A 389 -7.48 15.18 -1.52
N PRO A 390 -8.74 14.69 -1.54
CA PRO A 390 -9.69 15.04 -0.49
C PRO A 390 -9.07 14.90 0.91
N PHE A 391 -9.51 15.77 1.81
CA PHE A 391 -9.08 15.91 3.20
C PHE A 391 -7.69 16.51 3.35
N PHE A 392 -6.99 16.82 2.27
CA PHE A 392 -5.64 17.35 2.40
C PHE A 392 -5.58 18.79 1.92
N GLU A 393 -4.53 19.48 2.35
CA GLU A 393 -4.12 20.74 1.76
C GLU A 393 -2.63 20.72 1.49
N ALA A 394 -2.20 21.46 0.47
CA ALA A 394 -0.79 21.51 0.13
C ALA A 394 -0.42 22.93 -0.28
N LYS A 395 0.82 23.30 0.05
CA LYS A 395 1.35 24.59 -0.34
C LYS A 395 2.80 24.43 -0.77
N VAL A 396 3.36 25.52 -1.30
CA VAL A 396 4.76 25.59 -1.69
C VAL A 396 5.35 26.83 -1.02
N VAL A 397 6.39 26.63 -0.21
CA VAL A 397 6.96 27.71 0.57
C VAL A 397 8.33 28.11 0.01
N ASP A 398 8.67 29.37 0.22
CA ASP A 398 9.98 29.89 -0.15
C ASP A 398 11.09 29.15 0.60
N LEU A 399 12.13 28.73 -0.12
CA LEU A 399 13.20 27.94 0.47
C LEU A 399 14.00 28.69 1.53
N ASP A 400 13.97 30.03 1.54
CA ASP A 400 14.67 30.81 2.55
C ASP A 400 13.80 31.23 3.73
N THR A 401 12.52 31.57 3.48
CA THR A 401 11.68 32.20 4.49
C THR A 401 10.51 31.34 4.99
N GLY A 402 10.15 30.27 4.29
CA GLY A 402 8.96 29.53 4.67
C GLY A 402 7.65 30.20 4.35
N LYS A 403 7.67 31.29 3.57
CA LYS A 403 6.45 32.01 3.25
C LYS A 403 5.70 31.37 2.08
N THR A 404 4.39 31.46 2.14
CA THR A 404 3.56 30.76 1.16
C THR A 404 3.68 31.45 -0.18
N LEU A 405 4.17 30.72 -1.18
CA LEU A 405 4.37 31.25 -2.52
C LEU A 405 3.08 31.13 -3.33
N GLY A 406 3.15 31.53 -4.61
CA GLY A 406 1.98 31.56 -5.47
C GLY A 406 2.16 30.76 -6.74
N VAL A 407 1.23 30.90 -7.66
CA VAL A 407 1.18 30.05 -8.85
C VAL A 407 2.55 30.08 -9.57
N ASN A 408 2.93 28.92 -10.14
CA ASN A 408 4.24 28.56 -10.76
C ASN A 408 5.50 28.95 -9.99
N GLN A 409 5.34 29.45 -8.77
CA GLN A 409 6.51 29.75 -7.97
C GLN A 409 7.08 28.46 -7.41
N ARG A 410 8.40 28.31 -7.49
CA ARG A 410 9.08 27.11 -7.08
C ARG A 410 9.61 27.24 -5.66
N GLY A 411 9.31 26.24 -4.84
CA GLY A 411 9.71 26.23 -3.44
C GLY A 411 9.51 24.85 -2.87
N GLU A 412 9.38 24.75 -1.55
CA GLU A 412 9.29 23.44 -0.92
C GLU A 412 7.84 23.03 -0.78
N LEU A 413 7.54 21.80 -1.15
CA LEU A 413 6.19 21.27 -0.99
C LEU A 413 5.90 20.92 0.48
N CYS A 414 4.78 21.41 0.98
CA CYS A 414 4.32 21.05 2.31
C CYS A 414 2.88 20.59 2.22
N VAL A 415 2.53 19.55 2.97
CA VAL A 415 1.19 18.98 2.92
C VAL A 415 0.66 18.85 4.34
N ARG A 416 -0.67 18.93 4.46
CA ARG A 416 -1.36 18.79 5.73
C ARG A 416 -2.66 18.02 5.50
N GLY A 417 -2.90 17.00 6.32
CA GLY A 417 -4.07 16.17 6.17
C GLY A 417 -4.02 14.94 7.08
N PRO A 418 -5.13 14.19 7.10
CA PRO A 418 -5.27 13.10 8.08
C PRO A 418 -4.54 11.80 7.73
N MET A 419 -3.76 11.73 6.64
CA MET A 419 -2.97 10.53 6.41
C MET A 419 -1.53 10.66 6.87
N ILE A 420 -1.14 11.83 7.38
CA ILE A 420 0.20 11.99 7.89
C ILE A 420 0.42 11.04 9.06
N MET A 421 1.59 10.39 9.07
CA MET A 421 1.98 9.47 10.13
C MET A 421 1.82 10.12 11.49
N SER A 422 1.71 9.32 12.55
CA SER A 422 1.70 9.91 13.88
C SER A 422 3.12 10.13 14.40
N GLY A 423 4.11 9.54 13.76
CA GLY A 423 5.48 9.87 14.08
C GLY A 423 6.39 8.70 13.83
N TYR A 424 7.67 8.96 13.93
CA TYR A 424 8.65 7.89 13.85
C TYR A 424 8.70 7.15 15.17
N VAL A 425 9.08 5.87 15.09
CA VAL A 425 8.95 4.96 16.22
C VAL A 425 10.16 5.15 17.13
N ASN A 426 9.91 5.66 18.34
CA ASN A 426 10.94 5.96 19.32
C ASN A 426 11.99 6.93 18.78
N ASN A 427 11.52 7.94 18.03
CA ASN A 427 12.39 8.94 17.42
C ASN A 427 11.62 10.24 17.29
N PRO A 428 11.28 10.87 18.43
CA PRO A 428 10.51 12.12 18.36
C PRO A 428 11.32 13.30 17.86
N GLU A 429 12.64 13.20 17.88
CA GLU A 429 13.48 14.25 17.31
C GLU A 429 13.34 14.29 15.78
N ALA A 430 13.51 13.13 15.14
CA ALA A 430 13.30 13.04 13.70
C ALA A 430 11.87 13.41 13.33
N THR A 431 10.91 13.10 14.21
CA THR A 431 9.52 13.46 13.91
C THR A 431 9.35 14.97 13.84
N ASN A 432 9.90 15.70 14.83
CA ASN A 432 9.68 17.14 14.93
C ASN A 432 10.42 17.93 13.85
N ALA A 433 11.57 17.44 13.39
CA ALA A 433 12.23 18.08 12.26
C ALA A 433 11.32 18.10 11.03
N LEU A 434 10.39 17.15 10.93
CA LEU A 434 9.59 16.96 9.72
C LEU A 434 8.22 17.62 9.80
N ILE A 435 7.61 17.66 10.97
CA ILE A 435 6.24 18.16 11.15
C ILE A 435 6.27 19.17 12.28
N ASP A 436 5.81 20.39 11.99
CA ASP A 436 5.78 21.44 13.01
C ASP A 436 4.57 21.25 13.92
N LYS A 437 4.36 22.18 14.85
CA LYS A 437 3.16 22.14 15.67
C LYS A 437 1.91 22.45 14.84
N ASP A 438 2.06 23.25 13.78
CA ASP A 438 0.98 23.49 12.83
C ASP A 438 0.58 22.25 12.01
N GLY A 439 1.27 21.13 12.20
CA GLY A 439 0.92 19.91 11.50
C GLY A 439 1.25 19.90 10.02
N TRP A 440 2.12 20.81 9.56
CA TRP A 440 2.54 20.83 8.17
C TRP A 440 3.72 19.88 7.99
N LEU A 441 3.63 19.03 6.96
CA LEU A 441 4.69 18.09 6.64
C LEU A 441 5.58 18.70 5.55
N HIS A 442 6.87 18.81 5.83
CA HIS A 442 7.87 19.37 4.91
C HIS A 442 8.46 18.22 4.09
N SER A 443 8.03 18.09 2.84
CA SER A 443 8.39 16.93 2.04
C SER A 443 9.87 16.87 1.69
N GLY A 444 10.62 17.96 1.82
CA GLY A 444 11.96 17.99 1.26
C GLY A 444 12.02 17.96 -0.25
N ASP A 445 10.89 18.09 -0.94
CA ASP A 445 10.89 18.16 -2.40
C ASP A 445 10.59 19.57 -2.88
N ILE A 446 11.14 19.91 -4.07
CA ILE A 446 10.85 21.18 -4.72
C ILE A 446 9.69 21.00 -5.67
N ALA A 447 8.75 21.95 -5.65
CA ALA A 447 7.50 21.79 -6.38
C ALA A 447 6.92 23.14 -6.74
N TYR A 448 5.89 23.10 -7.59
CA TYR A 448 5.08 24.27 -7.94
C TYR A 448 3.75 23.79 -8.50
N TRP A 449 2.71 24.58 -8.29
CA TRP A 449 1.40 24.33 -8.89
C TRP A 449 1.06 25.39 -9.92
N ASP A 450 0.25 25.02 -10.93
CA ASP A 450 0.00 25.84 -12.10
C ASP A 450 -1.39 26.50 -12.05
N GLU A 451 -1.86 26.97 -13.22
CA GLU A 451 -3.13 27.68 -13.34
C GLU A 451 -4.30 26.82 -12.85
N ASP A 452 -4.40 25.59 -13.34
CA ASP A 452 -5.46 24.67 -13.00
C ASP A 452 -5.20 23.89 -11.73
N GLU A 453 -4.10 24.19 -11.01
CA GLU A 453 -3.75 23.60 -9.72
C GLU A 453 -3.22 22.17 -9.84
N HIS A 454 -2.45 21.90 -10.89
CA HIS A 454 -1.69 20.68 -11.02
C HIS A 454 -0.31 20.88 -10.40
N PHE A 455 0.10 19.95 -9.54
CA PHE A 455 1.43 20.03 -8.94
C PHE A 455 2.47 19.34 -9.80
N PHE A 456 3.66 19.94 -9.83
CA PHE A 456 4.84 19.40 -10.49
C PHE A 456 5.95 19.34 -9.46
N ILE A 457 6.78 18.32 -9.56
CA ILE A 457 7.92 18.12 -8.67
C ILE A 457 9.18 18.41 -9.47
N VAL A 458 10.01 19.29 -8.97
CA VAL A 458 11.26 19.65 -9.63
C VAL A 458 12.34 18.67 -9.19
N ASP A 459 13.02 18.07 -10.16
CA ASP A 459 14.11 17.14 -9.86
C ASP A 459 15.34 17.92 -9.42
N ARG A 460 15.81 17.64 -8.21
CA ARG A 460 17.02 18.27 -7.71
C ARG A 460 18.24 17.57 -8.28
#